data_3NZB
#
_entry.id   3NZB
#
_cell.length_a   36.860
_cell.length_b   42.709
_cell.length_c   60.585
_cell.angle_alpha   90.00
_cell.angle_beta   94.62
_cell.angle_gamma   90.00
#
_symmetry.space_group_name_H-M   'P 1 21 1'
#
loop_
_entity.id
_entity.type
_entity.pdbx_description
1 polymer 'Dihydrofolate reductase'
2 non-polymer 'ethyl 6-{3-[(2,4-diamino-5-methylpyrido[2,3-d]pyrimidin-6-yl)methyl]-4-methoxyphenoxy}hexanoate'
3 non-polymer 'NADPH DIHYDRO-NICOTINAMIDE-ADENINE-DINUCLEOTIDE PHOSPHATE'
4 water water
#
_entity_poly.entity_id   1
_entity_poly.type   'polypeptide(L)'
_entity_poly.pdbx_seq_one_letter_code
;MNQQKSLTLIVALTTSYGIGRSNSLPWKLKKEISYFKRVTSFVPTFDSFESMNVVLMGRKTWESIPLQFRPLKGRINVVI
TRNESLDLGNGIHSAKSLDHALELLYRTYGSESSVQINRIFVIGGAQLYKAAMDHPKLDRIMATIIYKDIHCDVFFPLKF
RDKEWSSVWKKEKHSDLESWVGTKVPHGKINEDGFDYEFEMWTRDL
;
_entity_poly.pdbx_strand_id   X
#
# COMPACT_ATOMS: atom_id res chain seq x y z
N MET A 1 -5.23 22.16 -6.68
CA MET A 1 -6.45 21.61 -6.01
C MET A 1 -6.62 20.09 -6.17
N ASN A 2 -5.51 19.39 -6.32
CA ASN A 2 -5.58 17.95 -6.57
C ASN A 2 -4.35 17.26 -5.99
N GLN A 3 -3.34 18.10 -5.75
CA GLN A 3 -2.05 17.74 -5.22
C GLN A 3 -2.02 18.01 -3.69
N GLN A 4 -3.04 17.57 -2.94
CA GLN A 4 -3.10 17.87 -1.52
C GLN A 4 -3.05 16.60 -0.65
N LYS A 5 -2.23 15.52 -1.26
CA LYS A 5 -1.65 14.75 -0.14
C LYS A 5 -0.50 13.94 -0.76
N SER A 6 0.48 13.59 0.06
CA SER A 6 1.44 12.52 -0.33
C SER A 6 0.74 11.17 -0.49
N LEU A 7 1.36 10.32 -1.26
CA LEU A 7 0.97 8.88 -1.35
C LEU A 7 1.99 8.05 -0.61
N THR A 8 1.47 6.94 -0.07
CA THR A 8 2.27 5.87 0.55
C THR A 8 2.02 4.56 -0.14
N LEU A 9 3.06 3.81 -0.48
CA LEU A 9 2.95 2.47 -1.02
C LEU A 9 3.18 1.45 0.07
N ILE A 10 2.44 0.38 0.15
CA ILE A 10 2.72 -0.67 1.13
C ILE A 10 2.79 -2.00 0.34
N VAL A 11 3.81 -2.76 0.67
CA VAL A 11 4.20 -3.95 -0.06
C VAL A 11 4.96 -4.93 0.82
N ALA A 12 4.77 -6.23 0.57
CA ALA A 12 5.59 -7.31 1.10
C ALA A 12 6.37 -7.90 -0.06
N LEU A 13 7.67 -8.03 0.08
CA LEU A 13 8.50 -8.41 -1.02
C LEU A 13 9.73 -9.24 -0.58
N THR A 14 10.20 -10.12 -1.46
CA THR A 14 11.41 -10.87 -1.15
C THR A 14 12.63 -10.00 -1.36
N THR A 15 13.77 -10.54 -0.93
CA THR A 15 15.06 -9.89 -1.20
C THR A 15 15.42 -9.83 -2.69
N SER A 16 14.69 -10.56 -3.55
CA SER A 16 14.81 -10.41 -4.97
C SER A 16 13.69 -9.64 -5.60
N TYR A 17 12.87 -8.96 -4.73
CA TYR A 17 11.78 -8.06 -5.18
C TYR A 17 10.53 -8.78 -5.65
N GLY A 18 10.54 -10.08 -5.35
CA GLY A 18 9.36 -10.91 -5.63
C GLY A 18 8.12 -10.52 -4.87
N ILE A 19 6.96 -10.30 -5.51
CA ILE A 19 5.74 -9.92 -4.81
C ILE A 19 4.56 -10.90 -5.02
N GLY A 20 4.66 -11.74 -6.07
CA GLY A 20 3.48 -12.52 -6.34
C GLY A 20 3.80 -13.70 -7.20
N ARG A 21 2.89 -14.66 -7.13
CA ARG A 21 2.98 -15.94 -7.83
C ARG A 21 1.58 -16.45 -8.11
N SER A 22 1.42 -16.88 -9.36
CA SER A 22 0.23 -17.57 -9.85
C SER A 22 -1.01 -16.78 -9.45
N ASN A 23 -0.97 -15.46 -9.66
CA ASN A 23 -2.00 -14.45 -9.23
C ASN A 23 -2.42 -14.39 -7.72
N SER A 24 -1.52 -14.78 -6.83
CA SER A 24 -1.76 -14.61 -5.39
C SER A 24 -0.41 -14.28 -4.68
N LEU A 25 -0.38 -14.38 -3.35
CA LEU A 25 0.88 -14.27 -2.56
C LEU A 25 1.58 -15.58 -2.38
N PRO A 26 2.91 -15.64 -2.55
CA PRO A 26 3.25 -17.03 -2.33
C PRO A 26 3.82 -17.28 -0.97
N TRP A 27 3.18 -16.72 0.02
CA TRP A 27 3.47 -17.03 1.40
C TRP A 27 2.15 -16.92 2.12
N LYS A 28 2.13 -17.47 3.33
CA LYS A 28 0.97 -17.50 4.24
C LYS A 28 1.40 -16.90 5.60
N LEU A 29 1.21 -15.60 5.74
CA LEU A 29 1.65 -14.88 6.95
C LEU A 29 0.54 -14.06 7.64
N LYS A 30 -0.22 -14.65 8.57
CA LYS A 30 -1.33 -13.94 9.16
C LYS A 30 -0.92 -12.69 9.93
N LYS A 31 0.22 -12.70 10.61
CA LYS A 31 0.66 -11.49 11.34
C LYS A 31 1.01 -10.34 10.36
N GLU A 32 1.63 -10.73 9.25
CA GLU A 32 1.98 -9.76 8.17
C GLU A 32 0.71 -9.17 7.60
N ILE A 33 -0.30 -9.97 7.34
CA ILE A 33 -1.60 -9.37 6.95
C ILE A 33 -2.20 -8.46 8.02
N SER A 34 -2.08 -8.85 9.30
CA SER A 34 -2.62 -8.00 10.35
C SER A 34 -1.89 -6.69 10.45
N TYR A 35 -0.58 -6.74 10.16
CA TYR A 35 0.18 -5.48 10.01
C TYR A 35 -0.35 -4.56 8.85
N PHE A 36 -0.51 -5.19 7.71
CA PHE A 36 -1.06 -4.45 6.58
C PHE A 36 -2.38 -3.81 6.94
N LYS A 37 -3.24 -4.61 7.61
CA LYS A 37 -4.54 -4.07 8.08
C LYS A 37 -4.36 -2.90 9.09
N ARG A 38 -3.50 -3.06 10.12
CA ARG A 38 -3.31 -2.00 11.09
C ARG A 38 -2.82 -0.76 10.40
N VAL A 39 -1.80 -0.94 9.55
CA VAL A 39 -1.25 0.26 8.96
C VAL A 39 -2.24 0.97 8.02
N THR A 40 -2.85 0.18 7.16
CA THR A 40 -3.82 0.82 6.21
C THR A 40 -5.06 1.37 6.89
N SER A 41 -5.31 0.96 8.16
CA SER A 41 -6.56 1.42 8.84
C SER A 41 -6.35 2.54 9.82
N PHE A 42 -5.12 2.70 10.30
CA PHE A 42 -4.74 3.62 11.38
C PHE A 42 -4.98 5.10 11.10
N VAL A 43 -5.85 5.71 11.93
CA VAL A 43 -6.08 7.13 11.87
C VAL A 43 -5.89 7.68 13.29
N PRO A 44 -5.11 8.74 13.50
CA PRO A 44 -5.05 9.41 14.82
C PRO A 44 -6.43 9.69 15.41
N THR A 45 -6.50 9.53 16.73
CA THR A 45 -7.79 9.46 17.44
C THR A 45 -8.64 10.72 17.31
N PHE A 46 -8.02 11.89 17.42
CA PHE A 46 -8.78 13.12 17.35
C PHE A 46 -9.48 13.26 15.99
N ASP A 47 -8.73 12.92 14.92
CA ASP A 47 -9.19 12.95 13.54
C ASP A 47 -10.22 11.83 13.26
N SER A 48 -10.15 10.77 14.06
CA SER A 48 -10.80 9.48 13.74
C SER A 48 -12.32 9.51 13.88
N PHE A 49 -12.79 10.62 14.43
CA PHE A 49 -14.21 10.89 14.48
C PHE A 49 -14.80 10.94 13.07
N GLU A 50 -14.10 11.61 12.15
CA GLU A 50 -14.60 11.92 10.78
C GLU A 50 -13.73 11.43 9.58
N SER A 51 -12.49 11.06 9.86
CA SER A 51 -11.49 10.73 8.82
C SER A 51 -11.25 9.22 8.59
N MET A 52 -11.01 8.79 7.32
CA MET A 52 -10.72 7.38 6.95
C MET A 52 -9.56 7.37 5.92
N ASN A 53 -8.86 6.25 5.86
CA ASN A 53 -7.89 6.05 4.77
C ASN A 53 -8.45 5.38 3.52
N VAL A 54 -7.67 5.51 2.43
CA VAL A 54 -8.00 5.05 1.13
C VAL A 54 -6.97 3.99 0.74
N VAL A 55 -7.40 2.90 0.17
CA VAL A 55 -6.56 1.94 -0.52
C VAL A 55 -6.83 1.92 -1.99
N LEU A 56 -5.78 2.20 -2.75
CA LEU A 56 -5.84 2.14 -4.19
C LEU A 56 -5.21 0.85 -4.63
N MET A 57 -5.82 0.09 -5.55
CA MET A 57 -5.27 -1.15 -6.02
C MET A 57 -5.56 -1.41 -7.50
N GLY A 58 -4.73 -2.19 -8.17
CA GLY A 58 -4.99 -2.62 -9.54
C GLY A 58 -6.14 -3.62 -9.54
N ARG A 59 -6.72 -3.76 -10.73
CA ARG A 59 -7.84 -4.63 -10.85
C ARG A 59 -7.36 -6.08 -10.60
N LYS A 60 -6.16 -6.46 -11.05
CA LYS A 60 -5.61 -7.86 -10.79
C LYS A 60 -5.40 -8.17 -9.28
N THR A 61 -5.06 -7.14 -8.49
CA THR A 61 -4.99 -7.26 -6.99
C THR A 61 -6.36 -7.40 -6.41
N TRP A 62 -7.28 -6.67 -7.03
CA TRP A 62 -8.65 -6.71 -6.62
C TRP A 62 -9.13 -8.16 -6.74
N GLU A 63 -8.89 -8.77 -7.88
CA GLU A 63 -9.33 -10.17 -8.13
C GLU A 63 -8.59 -11.17 -7.22
N SER A 64 -7.36 -10.82 -6.83
CA SER A 64 -6.41 -11.68 -6.09
C SER A 64 -6.83 -11.89 -4.66
N ILE A 65 -7.55 -10.93 -4.14
CA ILE A 65 -7.95 -10.93 -2.73
C ILE A 65 -9.18 -11.82 -2.66
N PRO A 66 -9.18 -12.79 -1.71
CA PRO A 66 -10.31 -13.70 -1.54
C PRO A 66 -11.60 -12.94 -1.37
N LEU A 67 -12.64 -13.42 -2.07
CA LEU A 67 -13.94 -12.79 -2.02
C LEU A 67 -14.41 -12.34 -0.63
N GLN A 68 -14.16 -13.15 0.39
CA GLN A 68 -14.55 -12.83 1.78
C GLN A 68 -14.03 -11.48 2.25
N PHE A 69 -12.88 -11.05 1.71
CA PHE A 69 -12.10 -9.95 2.29
C PHE A 69 -12.26 -8.63 1.51
N ARG A 70 -13.27 -8.57 0.66
CA ARG A 70 -13.59 -7.39 -0.15
C ARG A 70 -14.99 -6.79 0.11
N PRO A 71 -15.15 -5.46 -0.12
CA PRO A 71 -13.93 -4.64 -0.23
C PRO A 71 -13.14 -4.71 1.07
N LEU A 72 -11.87 -4.44 0.99
CA LEU A 72 -11.07 -4.37 2.19
C LEU A 72 -11.79 -3.46 3.23
N LYS A 73 -12.11 -4.06 4.38
CA LYS A 73 -13.02 -3.47 5.42
C LYS A 73 -13.23 -1.95 5.84
N GLY A 74 -12.42 -1.31 6.67
CA GLY A 74 -12.86 0.02 7.09
C GLY A 74 -12.07 1.10 6.35
N ARG A 75 -11.86 0.89 5.06
CA ARG A 75 -11.11 1.88 4.25
C ARG A 75 -11.90 2.11 2.93
N ILE A 76 -11.59 3.16 2.23
CA ILE A 76 -12.21 3.44 0.94
C ILE A 76 -11.48 2.74 -0.17
N ASN A 77 -12.05 1.79 -0.88
CA ASN A 77 -11.36 1.04 -1.90
C ASN A 77 -11.63 1.81 -3.16
N VAL A 78 -10.59 1.91 -3.98
CA VAL A 78 -10.69 2.30 -5.36
C VAL A 78 -9.89 1.35 -6.18
N VAL A 79 -10.50 0.72 -7.18
CA VAL A 79 -9.85 -0.13 -8.04
C VAL A 79 -9.49 0.66 -9.31
N ILE A 80 -8.23 0.60 -9.71
CA ILE A 80 -7.76 1.27 -10.89
C ILE A 80 -7.84 0.31 -12.08
N THR A 81 -8.63 0.67 -13.10
CA THR A 81 -8.65 -0.11 -14.37
C THR A 81 -8.99 0.74 -15.60
N ARG A 82 -8.34 0.40 -16.73
CA ARG A 82 -8.32 1.18 -18.00
C ARG A 82 -9.53 0.90 -18.86
N ASN A 83 -10.41 0.27 -18.63
CA ASN A 83 -11.64 0.32 -19.40
C ASN A 83 -12.85 0.26 -18.47
N GLU A 84 -13.61 1.36 -18.43
CA GLU A 84 -14.80 1.51 -17.58
C GLU A 84 -15.61 0.21 -17.55
N SER A 85 -14.88 -0.89 -17.73
CA SER A 85 -15.44 -2.23 -17.90
C SER A 85 -16.63 -2.55 -17.00
N LEU A 86 -16.64 -3.76 -16.47
CA LEU A 86 -17.74 -4.21 -15.61
C LEU A 86 -17.28 -4.81 -14.27
N ASP A 87 -17.30 -3.97 -13.23
CA ASP A 87 -16.84 -4.36 -11.91
C ASP A 87 -17.98 -4.93 -11.06
N LEU A 88 -18.87 -4.07 -10.58
CA LEU A 88 -20.09 -4.56 -9.91
C LEU A 88 -19.96 -4.56 -8.39
N GLY A 89 -19.78 -3.39 -7.80
CA GLY A 89 -19.53 -3.30 -6.37
C GLY A 89 -20.50 -2.51 -5.49
N ASN A 90 -20.50 -2.86 -4.21
CA ASN A 90 -21.37 -2.29 -3.18
C ASN A 90 -20.89 -0.90 -2.75
N GLY A 91 -20.94 0.07 -3.66
CA GLY A 91 -20.42 1.41 -3.40
C GLY A 91 -18.97 1.57 -3.80
N ILE A 92 -18.40 0.54 -4.44
CA ILE A 92 -16.93 0.45 -4.73
C ILE A 92 -16.39 1.13 -5.99
N HIS A 93 -15.57 1.86 -5.99
CA HIS A 93 -15.09 2.91 -6.86
C HIS A 93 -14.10 2.40 -7.84
N SER A 94 -14.12 3.09 -8.94
CA SER A 94 -13.46 2.74 -10.12
C SER A 94 -12.86 4.04 -10.65
N ALA A 95 -11.61 3.93 -11.12
CA ALA A 95 -10.90 5.01 -11.84
C ALA A 95 -9.91 4.48 -12.86
N LYS A 96 -9.65 5.27 -13.90
CA LYS A 96 -8.86 4.79 -15.01
C LYS A 96 -7.34 5.04 -14.84
N SER A 97 -6.94 5.79 -13.79
CA SER A 97 -5.54 6.05 -13.52
C SER A 97 -5.40 6.49 -12.03
N LEU A 98 -4.15 6.51 -11.55
CA LEU A 98 -3.89 7.05 -10.27
C LEU A 98 -4.40 8.49 -10.13
N ASP A 99 -4.12 9.37 -11.12
CA ASP A 99 -4.61 10.72 -10.97
C ASP A 99 -6.13 10.85 -11.07
N HIS A 100 -6.72 9.99 -11.89
CA HIS A 100 -8.20 10.03 -11.97
C HIS A 100 -8.82 9.52 -10.66
N ALA A 101 -8.12 8.61 -9.98
CA ALA A 101 -8.61 8.19 -8.67
C ALA A 101 -8.51 9.30 -7.65
N LEU A 102 -7.40 10.02 -7.67
CA LEU A 102 -7.23 11.16 -6.82
C LEU A 102 -8.30 12.24 -7.01
N GLU A 103 -8.60 12.52 -8.27
CA GLU A 103 -9.60 13.56 -8.55
C GLU A 103 -10.95 13.06 -8.11
N LEU A 104 -11.23 11.78 -8.37
CA LEU A 104 -12.51 11.21 -7.93
C LEU A 104 -12.66 11.24 -6.43
N LEU A 105 -11.54 11.06 -5.72
CA LEU A 105 -11.57 11.05 -4.25
C LEU A 105 -11.83 12.46 -3.69
N TYR A 106 -11.13 13.46 -4.20
CA TYR A 106 -11.25 14.83 -3.71
C TYR A 106 -12.64 15.39 -4.06
N ARG A 107 -13.18 15.00 -5.22
CA ARG A 107 -14.57 15.43 -5.59
C ARG A 107 -15.63 14.80 -4.64
N THR A 108 -15.39 13.56 -4.24
CA THR A 108 -16.36 12.77 -3.48
C THR A 108 -16.27 13.04 -2.00
N TYR A 109 -15.03 13.27 -1.53
CA TYR A 109 -14.80 13.45 -0.10
C TYR A 109 -14.30 14.86 0.20
N GLY A 110 -15.15 15.85 -0.08
CA GLY A 110 -14.78 17.27 0.07
C GLY A 110 -14.87 17.90 1.45
N SER A 111 -14.55 19.19 1.53
CA SER A 111 -14.78 20.08 2.71
C SER A 111 -16.08 19.84 3.49
N GLU A 112 -17.06 19.23 2.82
CA GLU A 112 -18.39 19.16 3.37
C GLU A 112 -18.90 17.74 3.63
N SER A 113 -18.49 16.78 2.77
CA SER A 113 -18.78 15.34 2.87
C SER A 113 -18.68 14.90 4.31
N SER A 114 -19.45 13.90 4.67
CA SER A 114 -19.46 13.43 6.05
C SER A 114 -18.15 12.69 6.35
N VAL A 115 -17.66 11.96 5.36
CA VAL A 115 -16.38 11.24 5.50
C VAL A 115 -15.22 12.04 4.87
N GLN A 116 -14.08 12.10 5.58
CA GLN A 116 -12.90 12.92 5.24
C GLN A 116 -11.65 12.04 5.09
N ILE A 117 -10.74 12.39 4.17
CA ILE A 117 -9.63 11.45 3.87
C ILE A 117 -8.48 11.80 4.77
N ASN A 118 -7.92 10.79 5.46
CA ASN A 118 -6.64 10.91 6.20
C ASN A 118 -5.44 10.61 5.29
N ARG A 119 -5.08 9.34 5.17
CA ARG A 119 -3.95 8.91 4.30
C ARG A 119 -4.42 8.08 3.10
N ILE A 120 -3.62 8.16 2.00
CA ILE A 120 -3.87 7.37 0.82
C ILE A 120 -2.73 6.40 0.62
N PHE A 121 -3.03 5.14 0.46
CA PHE A 121 -2.12 3.99 0.21
C PHE A 121 -2.33 3.42 -1.13
N VAL A 122 -1.25 3.06 -1.82
CA VAL A 122 -1.22 2.20 -2.99
C VAL A 122 -0.84 0.83 -2.49
N ILE A 123 -1.72 -0.13 -2.73
CA ILE A 123 -1.53 -1.46 -2.12
C ILE A 123 -1.21 -2.56 -3.12
N GLY A 124 -0.97 -2.22 -4.41
CA GLY A 124 -0.44 -3.15 -5.45
C GLY A 124 -1.40 -3.22 -6.62
N GLY A 125 -1.01 -3.98 -7.66
CA GLY A 125 0.12 -4.83 -7.75
C GLY A 125 1.23 -4.19 -8.51
N ALA A 126 2.06 -4.94 -9.25
CA ALA A 126 3.29 -4.39 -9.84
C ALA A 126 2.94 -3.25 -10.80
N GLN A 127 1.88 -3.37 -11.61
CA GLN A 127 1.63 -2.36 -12.61
C GLN A 127 1.24 -1.02 -11.93
N LEU A 128 0.38 -1.13 -10.94
CA LEU A 128 0.02 0.06 -10.15
C LEU A 128 1.20 0.56 -9.32
N TYR A 129 2.02 -0.33 -8.79
CA TYR A 129 3.22 0.12 -8.07
C TYR A 129 4.15 0.94 -9.02
N LYS A 130 4.26 0.50 -10.26
CA LYS A 130 5.11 1.19 -11.21
C LYS A 130 4.56 2.59 -11.46
N ALA A 131 3.26 2.77 -11.63
CA ALA A 131 2.66 4.08 -11.78
C ALA A 131 2.94 4.95 -10.53
N ALA A 132 2.88 4.30 -9.35
CA ALA A 132 3.06 5.09 -8.12
C ALA A 132 4.48 5.52 -7.93
N MET A 133 5.42 4.69 -8.30
CA MET A 133 6.84 5.02 -8.21
C MET A 133 7.19 6.20 -9.13
N ASP A 134 6.43 6.30 -10.25
CA ASP A 134 6.62 7.39 -11.23
C ASP A 134 5.87 8.69 -10.81
N HIS A 135 5.04 8.61 -9.79
CA HIS A 135 4.13 9.71 -9.38
C HIS A 135 4.85 10.68 -8.49
N PRO A 136 4.75 11.99 -8.74
CA PRO A 136 5.55 12.95 -7.96
C PRO A 136 5.10 13.08 -6.52
N LYS A 137 3.95 12.56 -6.09
CA LYS A 137 3.51 12.65 -4.77
C LYS A 137 3.86 11.42 -3.88
N LEU A 138 4.36 10.34 -4.50
CA LEU A 138 4.72 9.21 -3.66
C LEU A 138 6.02 9.53 -2.91
N ASP A 139 6.02 9.42 -1.59
CA ASP A 139 7.24 9.72 -0.86
C ASP A 139 7.54 8.66 0.24
N ARG A 140 6.87 7.52 0.27
CA ARG A 140 6.97 6.60 1.42
C ARG A 140 6.61 5.23 0.94
N ILE A 141 7.44 4.28 1.37
CA ILE A 141 7.18 2.86 1.09
C ILE A 141 7.22 2.16 2.45
N MET A 142 6.11 1.48 2.77
CA MET A 142 6.07 0.54 3.89
C MET A 142 6.39 -0.81 3.34
N ALA A 143 7.59 -1.29 3.60
CA ALA A 143 8.08 -2.57 2.97
C ALA A 143 8.18 -3.60 4.02
N THR A 144 7.60 -4.77 3.79
CA THR A 144 7.92 -5.97 4.59
C THR A 144 8.91 -6.76 3.80
N ILE A 145 10.10 -6.91 4.35
N ILE A 145 10.15 -6.82 4.27
CA ILE A 145 11.14 -7.67 3.67
CA ILE A 145 11.23 -7.55 3.55
C ILE A 145 11.09 -9.10 4.05
C ILE A 145 11.31 -9.02 3.97
N ILE A 146 11.08 -9.93 3.02
CA ILE A 146 11.00 -11.39 3.25
C ILE A 146 12.33 -12.00 2.82
N TYR A 147 13.08 -12.55 3.81
CA TYR A 147 14.44 -13.03 3.61
C TYR A 147 14.43 -14.44 3.10
N LYS A 148 13.86 -14.60 1.92
CA LYS A 148 13.89 -15.89 1.23
C LYS A 148 13.59 -15.59 -0.21
N ASP A 149 14.33 -16.21 -1.10
CA ASP A 149 14.14 -16.01 -2.56
C ASP A 149 13.07 -17.00 -3.05
N ILE A 150 11.88 -16.86 -2.49
CA ILE A 150 10.65 -17.62 -2.85
C ILE A 150 10.32 -17.38 -4.34
N HIS A 151 10.08 -18.45 -5.10
CA HIS A 151 9.72 -18.27 -6.51
C HIS A 151 8.54 -17.38 -6.73
N CYS A 152 8.76 -16.30 -7.52
CA CYS A 152 7.69 -15.42 -7.88
C CYS A 152 7.61 -15.24 -9.40
N ASP A 153 6.46 -14.81 -9.86
CA ASP A 153 6.36 -14.50 -11.32
C ASP A 153 6.03 -13.04 -11.56
N VAL A 154 5.89 -12.25 -10.48
CA VAL A 154 5.67 -10.80 -10.60
C VAL A 154 6.56 -10.15 -9.55
N PHE A 155 7.10 -8.99 -9.96
CA PHE A 155 8.19 -8.35 -9.22
C PHE A 155 7.89 -6.91 -9.01
N PHE A 156 8.37 -6.42 -7.88
CA PHE A 156 8.24 -4.97 -7.68
C PHE A 156 9.13 -4.28 -8.69
N PRO A 157 8.66 -3.12 -9.22
CA PRO A 157 9.29 -2.60 -10.45
C PRO A 157 10.57 -1.74 -10.32
N LEU A 158 10.93 -1.36 -9.10
CA LEU A 158 12.11 -0.48 -8.98
C LEU A 158 12.90 -0.95 -7.78
N LYS A 159 14.24 -1.15 -7.88
CA LYS A 159 15.02 -1.76 -6.82
C LYS A 159 15.41 -0.71 -5.70
N PHE A 160 14.39 -0.32 -4.90
CA PHE A 160 14.54 0.91 -4.12
C PHE A 160 15.45 0.60 -2.96
N ARG A 161 15.75 -0.66 -2.56
CA ARG A 161 16.67 -0.98 -1.47
C ARG A 161 18.10 -1.16 -1.96
N ASP A 162 18.36 -1.00 -3.27
CA ASP A 162 19.70 -1.34 -3.77
C ASP A 162 20.53 -0.05 -3.94
N LYS A 163 21.82 -0.21 -4.11
CA LYS A 163 22.75 0.96 -4.09
C LYS A 163 22.41 1.97 -5.14
N GLU A 164 21.92 1.58 -6.34
CA GLU A 164 21.69 2.56 -7.37
C GLU A 164 20.61 3.63 -6.97
N TRP A 165 19.72 3.27 -6.04
CA TRP A 165 18.60 4.11 -5.61
C TRP A 165 18.82 4.73 -4.25
N SER A 166 19.98 4.55 -3.67
CA SER A 166 20.24 4.87 -2.28
C SER A 166 20.46 6.39 -2.04
N SER A 167 20.63 7.22 -3.04
CA SER A 167 20.65 8.66 -2.72
C SER A 167 19.20 9.17 -2.70
N VAL A 168 18.26 8.46 -3.35
CA VAL A 168 16.85 8.93 -3.38
C VAL A 168 16.06 8.30 -2.22
N TRP A 169 16.12 6.97 -2.03
CA TRP A 169 15.37 6.28 -1.00
C TRP A 169 16.20 5.92 0.16
N LYS A 170 15.70 6.28 1.38
CA LYS A 170 16.45 6.15 2.64
C LYS A 170 15.59 5.36 3.61
N LYS A 171 16.17 4.40 4.28
CA LYS A 171 15.49 3.65 5.29
C LYS A 171 15.44 4.44 6.62
N GLU A 172 14.26 4.54 7.19
CA GLU A 172 14.04 5.35 8.43
C GLU A 172 14.33 4.50 9.65
N LYS A 173 14.66 5.14 10.80
CA LYS A 173 14.75 4.50 12.12
C LYS A 173 13.48 3.76 12.51
N HIS A 174 13.59 2.62 13.19
CA HIS A 174 12.39 1.94 13.62
C HIS A 174 11.45 2.81 14.47
N SER A 175 12.00 3.66 15.34
CA SER A 175 11.12 4.50 16.15
C SER A 175 10.32 5.49 15.28
N ASP A 176 10.91 5.92 14.16
CA ASP A 176 10.16 6.73 13.18
C ASP A 176 9.06 5.94 12.43
N LEU A 177 9.31 4.68 12.09
CA LEU A 177 8.29 3.80 11.60
C LEU A 177 7.16 3.73 12.59
N GLU A 178 7.45 3.36 13.84
CA GLU A 178 6.40 3.31 14.90
C GLU A 178 5.69 4.65 15.11
N SER A 179 6.40 5.79 15.02
CA SER A 179 5.80 7.16 15.16
C SER A 179 4.80 7.43 14.02
N TRP A 180 5.07 6.80 12.87
CA TRP A 180 4.27 7.08 11.66
C TRP A 180 3.02 6.24 11.68
N VAL A 181 3.19 4.93 11.93
CA VAL A 181 2.15 3.90 12.13
C VAL A 181 1.37 4.03 13.46
N GLY A 182 1.80 4.89 14.38
CA GLY A 182 1.06 5.16 15.64
C GLY A 182 1.05 4.04 16.70
N THR A 183 1.85 3.01 16.53
CA THR A 183 1.98 1.95 17.53
C THR A 183 3.36 1.32 17.54
N LYS A 184 3.64 0.59 18.61
CA LYS A 184 4.78 -0.31 18.68
C LYS A 184 4.63 -1.32 17.58
N VAL A 185 5.75 -1.59 16.93
CA VAL A 185 5.76 -2.50 15.82
C VAL A 185 6.92 -3.43 16.10
N PRO A 186 6.71 -4.70 15.81
CA PRO A 186 7.79 -5.62 15.99
C PRO A 186 9.05 -5.06 15.34
N HIS A 187 10.19 -5.11 16.05
CA HIS A 187 11.49 -4.68 15.52
C HIS A 187 12.44 -5.86 15.29
N GLY A 188 12.95 -5.95 14.07
CA GLY A 188 13.80 -7.05 13.67
C GLY A 188 13.04 -8.23 13.09
N LYS A 189 13.70 -9.37 13.06
CA LYS A 189 13.20 -10.58 12.37
C LYS A 189 12.02 -11.29 13.05
N ILE A 190 10.95 -11.51 12.29
CA ILE A 190 9.76 -12.23 12.68
C ILE A 190 9.78 -13.53 11.84
N ASN A 191 9.47 -14.63 12.50
CA ASN A 191 9.42 -15.92 11.85
C ASN A 191 8.00 -16.46 11.97
N GLU A 192 7.31 -16.52 10.82
CA GLU A 192 6.20 -17.42 10.55
C GLU A 192 6.69 -18.31 9.40
N ASP A 193 6.36 -19.60 9.46
CA ASP A 193 6.61 -20.60 8.39
C ASP A 193 7.95 -20.70 7.62
N GLY A 194 9.06 -20.83 8.35
CA GLY A 194 10.36 -21.14 7.74
C GLY A 194 11.15 -19.98 7.12
N PHE A 195 10.58 -18.77 7.15
CA PHE A 195 11.16 -17.53 6.59
C PHE A 195 11.23 -16.47 7.70
N ASP A 196 12.33 -15.71 7.77
CA ASP A 196 12.44 -14.48 8.53
C ASP A 196 11.81 -13.35 7.67
N TYR A 197 11.09 -12.42 8.32
CA TYR A 197 10.73 -11.17 7.65
C TYR A 197 10.82 -9.99 8.60
N GLU A 198 10.84 -8.77 8.11
CA GLU A 198 10.85 -7.65 9.02
C GLU A 198 10.28 -6.42 8.35
N PHE A 199 9.80 -5.54 9.18
CA PHE A 199 9.12 -4.33 8.74
C PHE A 199 10.05 -3.15 8.62
N GLU A 200 9.94 -2.43 7.50
CA GLU A 200 10.83 -1.32 7.14
C GLU A 200 9.97 -0.18 6.60
N MET A 201 10.48 1.04 6.81
CA MET A 201 9.92 2.22 6.21
C MET A 201 10.97 3.01 5.46
N TRP A 202 10.73 3.32 4.19
CA TRP A 202 11.61 4.05 3.36
C TRP A 202 10.95 5.31 2.93
N THR A 203 11.73 6.38 2.82
CA THR A 203 11.19 7.65 2.31
C THR A 203 12.06 8.33 1.25
N ARG A 204 11.48 9.21 0.51
N ARG A 204 11.42 9.16 0.41
CA ARG A 204 12.29 10.02 -0.30
CA ARG A 204 12.00 9.91 -0.72
C ARG A 204 11.77 11.44 -0.10
C ARG A 204 11.60 11.41 -0.51
N ASP A 205 12.53 12.35 -0.62
CA ASP A 205 12.18 13.77 -0.57
C ASP A 205 11.31 14.04 -1.83
N LEU A 206 10.23 14.81 -1.67
CA LEU A 206 9.37 15.27 -2.80
C LEU A 206 10.14 16.29 -3.64
#